data_8FA2
#
_entry.id   8FA2
#
loop_
_entity.id
_entity.type
_entity.pdbx_description
1 polymer "Scaffolded Spike protein S2' HR1"
2 polymer "Spike protein S2' 42G"
#
loop_
_entity_poly.entity_id
_entity_poly.type
_entity_poly.pdbx_seq_one_letter_code
_entity_poly.pdbx_strand_id
1 'polypeptide(L)'
;MSHHHHHHGSQTLLRNFGNVYDNPVLLDRSVTAPVTEGFNVVLASFQALYLQYQKHHFVVEGSEFYSLHEFFNESYNQVQ
DHIHEIGERLDGLGGVPVATFSKLAELTCFEQESEGVYSSRQMVENDLAAEQAIIGVIRRQAAQAESLGDRGTRYLYEKI
LLKTEERAYHLSHFLAKDSLTLGFAYENQKLIANQFNSAIGKIQDSLSSTASALGKLQDVVNHNAQALNTLVKQLSSKFG
AISSVLNDIFSRLDKVE
;
A,B,C
2 'polypeptide(L)' KNHTSPDVDLGGDISGINASVVNIQKEIDRLNEVAKNLNESLIDLQ D,E,F
#
# COMPACT_ATOMS: atom_id res chain seq x y z
N GLU A 187 2.90 -50.94 4.08
CA GLU A 187 3.63 -50.26 3.01
C GLU A 187 2.85 -49.06 2.49
N ASN A 188 1.56 -49.26 2.21
CA ASN A 188 0.71 -48.13 1.86
C ASN A 188 0.64 -47.10 2.96
N GLN A 189 0.67 -47.53 4.23
CA GLN A 189 0.73 -46.57 5.31
C GLN A 189 2.03 -45.80 5.30
N LYS A 190 3.13 -46.45 4.94
CA LYS A 190 4.39 -45.73 4.84
C LYS A 190 4.34 -44.73 3.70
N LEU A 191 3.68 -45.06 2.60
CA LEU A 191 3.51 -44.11 1.52
C LEU A 191 2.67 -42.91 1.94
N ILE A 192 1.54 -43.17 2.60
CA ILE A 192 0.70 -42.07 3.07
C ILE A 192 1.48 -41.20 4.05
N ALA A 193 2.22 -41.81 4.96
CA ALA A 193 2.97 -41.04 5.95
C ALA A 193 4.05 -40.21 5.28
N ASN A 194 4.80 -40.79 4.35
CA ASN A 194 5.88 -40.04 3.71
C ASN A 194 5.34 -38.89 2.88
N GLN A 195 4.29 -39.14 2.09
CA GLN A 195 3.78 -38.05 1.27
C GLN A 195 3.06 -37.00 2.10
N PHE A 196 2.47 -37.37 3.24
CA PHE A 196 1.86 -36.39 4.12
C PHE A 196 2.94 -35.54 4.78
N ASN A 197 4.05 -36.16 5.18
CA ASN A 197 5.16 -35.38 5.72
C ASN A 197 5.73 -34.44 4.68
N SER A 198 5.84 -34.88 3.43
CA SER A 198 6.31 -34.00 2.36
C SER A 198 5.34 -32.84 2.15
N ALA A 199 4.05 -33.12 2.14
CA ALA A 199 3.06 -32.07 1.95
C ALA A 199 3.08 -31.08 3.10
N ILE A 200 3.25 -31.55 4.33
CA ILE A 200 3.29 -30.63 5.46
C ILE A 200 4.57 -29.81 5.44
N GLY A 201 5.67 -30.39 4.97
CA GLY A 201 6.88 -29.60 4.81
C GLY A 201 6.72 -28.50 3.78
N LYS A 202 6.12 -28.83 2.64
CA LYS A 202 5.89 -27.82 1.62
C LYS A 202 4.91 -26.75 2.08
N ILE A 203 3.90 -27.14 2.86
CA ILE A 203 2.95 -26.14 3.36
C ILE A 203 3.60 -25.29 4.45
N GLN A 204 4.54 -25.85 5.20
CA GLN A 204 5.32 -25.03 6.13
C GLN A 204 6.12 -24.00 5.37
N ASP A 205 6.78 -24.40 4.29
CA ASP A 205 7.51 -23.43 3.47
C ASP A 205 6.58 -22.38 2.91
N SER A 206 5.38 -22.78 2.46
CA SER A 206 4.45 -21.81 1.91
C SER A 206 3.94 -20.84 2.97
N LEU A 207 3.69 -21.32 4.18
CA LEU A 207 3.24 -20.42 5.24
C LEU A 207 4.36 -19.47 5.67
N SER A 208 5.60 -19.96 5.70
CA SER A 208 6.71 -19.06 6.01
C SER A 208 6.87 -18.01 4.92
N SER A 209 6.70 -18.39 3.66
CA SER A 209 6.79 -17.42 2.58
C SER A 209 5.65 -16.40 2.65
N THR A 210 4.44 -16.85 2.95
CA THR A 210 3.32 -15.93 3.09
C THR A 210 3.53 -14.99 4.27
N ALA A 211 4.10 -15.50 5.36
CA ALA A 211 4.39 -14.65 6.51
C ALA A 211 5.41 -13.59 6.16
N SER A 212 6.50 -13.98 5.49
CA SER A 212 7.51 -13.00 5.09
C SER A 212 6.93 -11.98 4.12
N ALA A 213 6.09 -12.43 3.20
CA ALA A 213 5.52 -11.51 2.22
C ALA A 213 4.59 -10.52 2.88
N LEU A 214 3.73 -10.99 3.79
CA LEU A 214 2.85 -10.07 4.47
C LEU A 214 3.63 -9.13 5.38
N GLY A 215 4.73 -9.60 5.94
CA GLY A 215 5.55 -8.71 6.75
C GLY A 215 6.17 -7.59 5.93
N LYS A 216 6.73 -7.93 4.78
CA LYS A 216 7.30 -6.90 3.91
C LYS A 216 6.22 -5.95 3.42
N LEU A 217 5.06 -6.48 3.03
CA LEU A 217 3.97 -5.62 2.60
C LEU A 217 3.53 -4.69 3.72
N GLN A 218 3.51 -5.20 4.96
CA GLN A 218 3.12 -4.36 6.08
C GLN A 218 4.13 -3.24 6.29
N ASP A 219 5.42 -3.58 6.30
CA ASP A 219 6.44 -2.56 6.46
C ASP A 219 6.33 -1.50 5.37
N VAL A 220 6.13 -1.92 4.13
CA VAL A 220 6.13 -0.97 3.03
C VAL A 220 4.87 -0.11 3.05
N VAL A 221 3.72 -0.71 3.32
CA VAL A 221 2.49 0.07 3.34
C VAL A 221 2.51 1.05 4.49
N ASN A 222 3.05 0.64 5.64
CA ASN A 222 3.15 1.56 6.76
C ASN A 222 4.14 2.68 6.48
N HIS A 223 5.28 2.36 5.84
CA HIS A 223 6.20 3.41 5.42
C HIS A 223 5.52 4.40 4.51
N ASN A 224 4.82 3.90 3.49
CA ASN A 224 4.17 4.81 2.56
C ASN A 224 3.07 5.60 3.23
N ALA A 225 2.41 5.03 4.22
CA ALA A 225 1.37 5.77 4.92
C ALA A 225 1.98 6.88 5.76
N GLN A 226 3.05 6.59 6.48
CA GLN A 226 3.73 7.64 7.24
C GLN A 226 4.28 8.71 6.30
N ALA A 227 4.75 8.30 5.14
CA ALA A 227 5.28 9.26 4.19
C ALA A 227 4.18 10.16 3.65
N LEU A 228 3.02 9.58 3.33
CA LEU A 228 1.93 10.40 2.83
C LEU A 228 1.40 11.32 3.92
N ASN A 229 1.42 10.86 5.17
CA ASN A 229 0.99 11.74 6.26
C ASN A 229 1.96 12.88 6.46
N THR A 230 3.26 12.58 6.40
CA THR A 230 4.27 13.63 6.47
C THR A 230 4.09 14.62 5.34
N LEU A 231 3.83 14.12 4.14
CA LEU A 231 3.61 15.00 3.01
C LEU A 231 2.40 15.88 3.27
N VAL A 232 1.32 15.32 3.78
CA VAL A 232 0.13 16.10 4.04
C VAL A 232 0.44 17.21 5.04
N LYS A 233 1.09 16.86 6.14
CA LYS A 233 1.36 17.87 7.17
C LYS A 233 2.28 18.96 6.65
N GLN A 234 3.41 18.56 6.08
CA GLN A 234 4.38 19.56 5.66
C GLN A 234 3.87 20.36 4.49
N LEU A 235 2.99 19.77 3.67
CA LEU A 235 2.31 20.54 2.63
C LEU A 235 1.40 21.57 3.25
N SER A 236 0.66 21.19 4.28
CA SER A 236 -0.18 22.16 4.97
C SER A 236 0.67 23.32 5.45
N SER A 237 1.83 23.01 6.02
CA SER A 237 2.73 24.06 6.50
C SER A 237 3.17 24.97 5.36
N LYS A 238 3.67 24.38 4.28
CA LYS A 238 4.19 25.17 3.18
C LYS A 238 3.09 26.01 2.56
N PHE A 239 1.88 25.48 2.48
CA PHE A 239 0.81 26.25 1.88
C PHE A 239 0.35 27.37 2.79
N GLY A 240 0.36 27.14 4.10
CA GLY A 240 0.09 28.25 5.00
C GLY A 240 1.12 29.35 4.85
N ALA A 241 2.39 28.95 4.71
CA ALA A 241 3.43 29.94 4.47
C ALA A 241 3.16 30.72 3.20
N ILE A 242 2.82 30.01 2.12
CA ILE A 242 2.50 30.68 0.87
C ILE A 242 1.34 31.63 1.08
N SER A 243 0.37 31.22 1.89
CA SER A 243 -0.77 32.09 2.16
C SER A 243 -0.31 33.38 2.80
N SER A 244 0.48 33.28 3.85
CA SER A 244 0.98 34.48 4.51
C SER A 244 1.78 35.34 3.55
N VAL A 245 2.58 34.71 2.70
CA VAL A 245 3.41 35.47 1.79
C VAL A 245 2.55 36.25 0.82
N LEU A 246 1.58 35.58 0.19
CA LEU A 246 0.70 36.27 -0.74
C LEU A 246 -0.09 37.34 -0.02
N ASN A 247 -0.43 37.11 1.24
CA ASN A 247 -1.16 38.13 1.98
C ASN A 247 -0.32 39.38 2.14
N ASP A 248 0.92 39.23 2.58
CA ASP A 248 1.81 40.37 2.68
C ASP A 248 2.04 41.01 1.32
N ILE A 249 2.08 40.20 0.27
CA ILE A 249 2.20 40.75 -1.07
C ILE A 249 1.05 41.70 -1.34
N PHE A 250 -0.18 41.20 -1.17
CA PHE A 250 -1.35 42.02 -1.45
C PHE A 250 -1.37 43.25 -0.56
N SER A 251 -0.89 43.12 0.67
CA SER A 251 -0.85 44.26 1.58
C SER A 251 0.10 45.32 1.06
N ARG A 252 1.30 44.92 0.64
CA ARG A 252 2.21 45.87 0.05
C ARG A 252 1.59 46.51 -1.18
N LEU A 253 0.90 45.72 -2.01
CA LEU A 253 0.27 46.28 -3.18
C LEU A 253 -0.73 47.36 -2.79
N ASP A 254 -1.62 47.05 -1.87
CA ASP A 254 -2.59 48.04 -1.39
C ASP A 254 -1.88 49.27 -0.86
N LYS A 255 -0.75 49.08 -0.18
CA LYS A 255 0.02 50.23 0.29
C LYS A 255 0.47 51.08 -0.88
N VAL A 256 0.92 50.45 -1.95
CA VAL A 256 1.33 51.21 -3.13
C VAL A 256 0.12 51.89 -3.75
N GLU A 257 -0.93 51.14 -4.04
CA GLU A 257 -2.14 51.69 -4.63
C GLU A 257 -3.14 52.11 -3.55
N GLU B 187 -4.42 -48.94 14.34
CA GLU B 187 -3.86 -47.95 15.26
C GLU B 187 -3.03 -46.91 14.53
N ASN B 188 -2.16 -47.36 13.62
CA ASN B 188 -1.44 -46.42 12.79
C ASN B 188 -2.38 -45.60 11.92
N GLN B 189 -3.49 -46.19 11.47
CA GLN B 189 -4.47 -45.41 10.74
C GLN B 189 -5.12 -44.36 11.63
N LYS B 190 -5.33 -44.68 12.90
CA LYS B 190 -5.87 -43.69 13.82
C LYS B 190 -4.87 -42.56 14.04
N LEU B 191 -3.58 -42.89 14.09
CA LEU B 191 -2.56 -41.86 14.21
C LEU B 191 -2.54 -40.96 12.97
N ILE B 192 -2.55 -41.56 11.78
CA ILE B 192 -2.56 -40.77 10.56
C ILE B 192 -3.80 -39.88 10.51
N ALA B 193 -4.96 -40.44 10.87
CA ALA B 193 -6.19 -39.66 10.82
C ALA B 193 -6.16 -38.51 11.82
N ASN B 194 -5.71 -38.76 13.06
CA ASN B 194 -5.68 -37.71 14.05
C ASN B 194 -4.71 -36.60 13.68
N GLN B 195 -3.51 -36.97 13.23
CA GLN B 195 -2.55 -35.92 12.90
C GLN B 195 -2.93 -35.20 11.61
N PHE B 196 -3.63 -35.86 10.69
CA PHE B 196 -4.11 -35.17 9.50
C PHE B 196 -5.23 -34.21 9.85
N ASN B 197 -6.11 -34.61 10.77
CA ASN B 197 -7.13 -33.68 11.24
C ASN B 197 -6.51 -32.49 11.94
N SER B 198 -5.47 -32.72 12.75
CA SER B 198 -4.79 -31.60 13.40
C SER B 198 -4.14 -30.68 12.39
N ALA B 199 -3.49 -31.25 11.37
CA ALA B 199 -2.86 -30.43 10.35
C ALA B 199 -3.87 -29.64 9.56
N ILE B 200 -5.03 -30.23 9.26
CA ILE B 200 -6.03 -29.50 8.50
C ILE B 200 -6.66 -28.41 9.36
N GLY B 201 -6.79 -28.65 10.66
CA GLY B 201 -7.25 -27.58 11.54
C GLY B 201 -6.28 -26.41 11.59
N LYS B 202 -5.00 -26.71 11.71
CA LYS B 202 -4.00 -25.64 11.73
C LYS B 202 -3.93 -24.92 10.40
N ILE B 203 -4.12 -25.62 9.29
CA ILE B 203 -4.10 -24.96 7.99
C ILE B 203 -5.36 -24.15 7.78
N GLN B 204 -6.48 -24.57 8.38
CA GLN B 204 -7.67 -23.74 8.37
C GLN B 204 -7.43 -22.44 9.12
N ASP B 205 -6.81 -22.53 10.29
CA ASP B 205 -6.46 -21.32 11.02
C ASP B 205 -5.53 -20.43 10.22
N SER B 206 -4.54 -21.03 9.54
CA SER B 206 -3.61 -20.24 8.76
C SER B 206 -4.29 -19.58 7.57
N LEU B 207 -5.22 -20.26 6.91
CA LEU B 207 -5.93 -19.65 5.80
C LEU B 207 -6.87 -18.55 6.27
N SER B 208 -7.51 -18.73 7.43
CA SER B 208 -8.32 -17.65 7.98
C SER B 208 -7.47 -16.44 8.34
N SER B 209 -6.28 -16.67 8.90
CA SER B 209 -5.38 -15.56 9.21
C SER B 209 -4.91 -14.86 7.95
N THR B 210 -4.57 -15.62 6.91
CA THR B 210 -4.15 -15.00 5.65
C THR B 210 -5.29 -14.22 5.02
N ALA B 211 -6.52 -14.74 5.12
CA ALA B 211 -7.67 -14.01 4.60
C ALA B 211 -7.88 -12.70 5.34
N SER B 212 -7.83 -12.73 6.67
CA SER B 212 -7.98 -11.50 7.43
C SER B 212 -6.87 -10.52 7.13
N ALA B 213 -5.64 -11.01 6.99
CA ALA B 213 -4.52 -10.13 6.72
C ALA B 213 -4.65 -9.48 5.36
N LEU B 214 -5.02 -10.25 4.33
CA LEU B 214 -5.18 -9.67 3.01
C LEU B 214 -6.37 -8.72 2.99
N GLY B 215 -7.39 -8.98 3.78
CA GLY B 215 -8.51 -8.06 3.85
C GLY B 215 -8.12 -6.72 4.45
N LYS B 216 -7.38 -6.76 5.55
CA LYS B 216 -6.92 -5.52 6.16
C LYS B 216 -5.97 -4.77 5.23
N LEU B 217 -5.06 -5.50 4.58
CA LEU B 217 -4.16 -4.86 3.63
C LEU B 217 -4.92 -4.24 2.48
N GLN B 218 -5.98 -4.90 2.02
CA GLN B 218 -6.79 -4.34 0.95
C GLN B 218 -7.47 -3.06 1.39
N ASP B 219 -8.12 -3.10 2.55
CA ASP B 219 -8.77 -1.90 3.06
C ASP B 219 -7.78 -0.75 3.19
N VAL B 220 -6.59 -1.03 3.72
CA VAL B 220 -5.64 0.05 3.99
C VAL B 220 -5.05 0.58 2.69
N VAL B 221 -4.71 -0.30 1.75
CA VAL B 221 -4.13 0.17 0.50
C VAL B 221 -5.15 0.94 -0.30
N ASN B 222 -6.42 0.52 -0.26
CA ASN B 222 -7.45 1.27 -0.96
C ASN B 222 -7.71 2.62 -0.30
N HIS B 223 -7.71 2.66 1.03
CA HIS B 223 -7.81 3.93 1.72
C HIS B 223 -6.69 4.86 1.32
N ASN B 224 -5.45 4.38 1.34
CA ASN B 224 -4.33 5.23 0.99
C ASN B 224 -4.39 5.65 -0.47
N ALA B 225 -4.91 4.79 -1.33
CA ALA B 225 -5.03 5.17 -2.73
C ALA B 225 -6.06 6.27 -2.91
N GLN B 226 -7.22 6.13 -2.28
CA GLN B 226 -8.21 7.18 -2.34
C GLN B 226 -7.68 8.47 -1.75
N ALA B 227 -6.90 8.35 -0.68
CA ALA B 227 -6.34 9.54 -0.06
C ALA B 227 -5.34 10.22 -0.97
N LEU B 228 -4.50 9.45 -1.63
CA LEU B 228 -3.52 10.05 -2.54
C LEU B 228 -4.23 10.66 -3.73
N ASN B 229 -5.31 10.05 -4.20
CA ASN B 229 -6.06 10.63 -5.30
C ASN B 229 -6.73 11.93 -4.89
N THR B 230 -7.31 11.95 -3.69
CA THR B 230 -7.88 13.18 -3.17
C THR B 230 -6.81 14.25 -3.05
N LEU B 231 -5.64 13.87 -2.57
CA LEU B 231 -4.55 14.84 -2.46
C LEU B 231 -4.20 15.38 -3.83
N VAL B 232 -4.11 14.51 -4.82
CA VAL B 232 -3.76 14.95 -6.16
C VAL B 232 -4.79 15.94 -6.67
N LYS B 233 -6.07 15.61 -6.56
CA LYS B 233 -7.11 16.48 -7.08
C LYS B 233 -7.12 17.82 -6.36
N GLN B 234 -7.17 17.79 -5.03
CA GLN B 234 -7.30 19.03 -4.29
C GLN B 234 -6.03 19.85 -4.40
N LEU B 235 -4.88 19.20 -4.58
CA LEU B 235 -3.65 19.93 -4.88
C LEU B 235 -3.75 20.62 -6.22
N SER B 236 -4.28 19.93 -7.22
CA SER B 236 -4.48 20.58 -8.51
C SER B 236 -5.33 21.82 -8.33
N SER B 237 -6.39 21.71 -7.53
CA SER B 237 -7.25 22.86 -7.31
C SER B 237 -6.50 23.99 -6.64
N LYS B 238 -5.79 23.69 -5.55
CA LYS B 238 -5.10 24.75 -4.81
C LYS B 238 -4.03 25.39 -5.68
N PHE B 239 -3.37 24.60 -6.50
CA PHE B 239 -2.32 25.18 -7.33
C PHE B 239 -2.90 26.02 -8.44
N GLY B 240 -4.04 25.62 -8.99
CA GLY B 240 -4.71 26.50 -9.94
C GLY B 240 -5.10 27.82 -9.30
N ALA B 241 -5.59 27.74 -8.06
CA ALA B 241 -5.91 28.97 -7.35
C ALA B 241 -4.67 29.84 -7.18
N ILE B 242 -3.56 29.23 -6.77
CA ILE B 242 -2.32 29.98 -6.63
C ILE B 242 -1.94 30.59 -7.96
N SER B 243 -2.16 29.87 -9.06
CA SER B 243 -1.85 30.40 -10.37
C SER B 243 -2.64 31.66 -10.64
N SER B 244 -3.95 31.59 -10.43
CA SER B 244 -4.79 32.77 -10.65
C SER B 244 -4.34 33.92 -9.77
N VAL B 245 -4.00 33.61 -8.52
CA VAL B 245 -3.62 34.67 -7.60
C VAL B 245 -2.36 35.36 -8.08
N LEU B 246 -1.34 34.57 -8.42
CA LEU B 246 -0.10 35.17 -8.90
C LEU B 246 -0.34 35.93 -10.20
N ASN B 247 -1.28 35.45 -11.01
CA ASN B 247 -1.57 36.14 -12.26
C ASN B 247 -2.13 37.52 -11.96
N ASP B 248 -3.13 37.60 -11.09
CA ASP B 248 -3.67 38.88 -10.70
C ASP B 248 -2.60 39.75 -10.04
N ILE B 249 -1.70 39.13 -9.30
CA ILE B 249 -0.59 39.88 -8.72
C ILE B 249 0.20 40.56 -9.81
N PHE B 250 0.65 39.79 -10.78
CA PHE B 250 1.47 40.34 -11.85
C PHE B 250 0.68 41.39 -12.62
N SER B 251 -0.63 41.19 -12.76
CA SER B 251 -1.45 42.17 -13.46
C SER B 251 -1.46 43.49 -12.71
N ARG B 252 -1.69 43.44 -11.41
CA ARG B 252 -1.63 44.65 -10.61
C ARG B 252 -0.26 45.31 -10.73
N LEU B 253 0.80 44.50 -10.70
CA LEU B 253 2.14 45.06 -10.83
C LEU B 253 2.28 45.81 -12.15
N ASP B 254 1.91 45.17 -13.25
CA ASP B 254 1.97 45.83 -14.55
C ASP B 254 1.14 47.10 -14.55
N LYS B 255 -0.01 47.10 -13.86
CA LYS B 255 -0.81 48.30 -13.75
C LYS B 255 -0.02 49.40 -13.05
N VAL B 256 0.70 49.04 -12.00
CA VAL B 256 1.51 50.04 -11.31
C VAL B 256 2.65 50.51 -12.21
N GLU B 257 3.41 49.57 -12.76
CA GLU B 257 4.51 49.91 -13.64
C GLU B 257 4.06 49.93 -15.10
N GLU C 187 -9.78 -50.16 2.81
CA GLU C 187 -10.87 -49.23 2.58
C GLU C 187 -10.65 -47.93 3.34
N ASN C 188 -10.30 -48.03 4.62
CA ASN C 188 -9.91 -46.83 5.37
C ASN C 188 -8.71 -46.14 4.76
N GLN C 189 -7.77 -46.90 4.20
CA GLN C 189 -6.66 -46.27 3.51
C GLN C 189 -7.13 -45.54 2.27
N LYS C 190 -8.12 -46.08 1.58
CA LYS C 190 -8.67 -45.38 0.42
C LYS C 190 -9.37 -44.10 0.85
N LEU C 191 -10.04 -44.12 2.00
CA LEU C 191 -10.65 -42.90 2.52
C LEU C 191 -9.60 -41.85 2.88
N ILE C 192 -8.55 -42.26 3.59
CA ILE C 192 -7.49 -41.33 3.94
C ILE C 192 -6.85 -40.76 2.68
N ALA C 193 -6.58 -41.61 1.70
CA ALA C 193 -5.95 -41.14 0.47
C ALA C 193 -6.85 -40.17 -0.29
N ASN C 194 -8.13 -40.49 -0.41
CA ASN C 194 -9.02 -39.61 -1.15
C ASN C 194 -9.19 -38.27 -0.45
N GLN C 195 -9.40 -38.28 0.86
CA GLN C 195 -9.58 -37.00 1.54
C GLN C 195 -8.29 -36.21 1.62
N PHE C 196 -7.13 -36.88 1.65
CA PHE C 196 -5.87 -36.15 1.62
C PHE C 196 -5.64 -35.54 0.26
N ASN C 197 -6.00 -36.25 -0.80
CA ASN C 197 -5.92 -35.66 -2.14
C ASN C 197 -6.84 -34.48 -2.28
N SER C 198 -8.05 -34.57 -1.72
CA SER C 198 -8.97 -33.43 -1.76
C SER C 198 -8.41 -32.25 -0.99
N ALA C 199 -7.85 -32.51 0.19
CA ALA C 199 -7.28 -31.42 0.99
C ALA C 199 -6.10 -30.78 0.29
N ILE C 200 -5.25 -31.57 -0.37
CA ILE C 200 -4.11 -31.00 -1.06
C ILE C 200 -4.57 -30.22 -2.29
N GLY C 201 -5.63 -30.65 -2.94
CA GLY C 201 -6.18 -29.86 -4.04
C GLY C 201 -6.71 -28.53 -3.56
N LYS C 202 -7.45 -28.53 -2.45
CA LYS C 202 -7.97 -27.28 -1.93
C LYS C 202 -6.84 -26.37 -1.44
N ILE C 203 -5.78 -26.93 -0.88
CA ILE C 203 -4.67 -26.11 -0.43
C ILE C 203 -3.87 -25.59 -1.62
N GLN C 204 -3.84 -26.34 -2.72
CA GLN C 204 -3.26 -25.81 -3.94
C GLN C 204 -4.05 -24.61 -4.44
N ASP C 205 -5.38 -24.72 -4.44
CA ASP C 205 -6.20 -23.58 -4.83
C ASP C 205 -5.96 -22.40 -3.90
N SER C 206 -5.85 -22.65 -2.60
CA SER C 206 -5.63 -21.56 -1.66
C SER C 206 -4.26 -20.90 -1.86
N LEU C 207 -3.23 -21.69 -2.15
CA LEU C 207 -1.93 -21.10 -2.38
C LEU C 207 -1.89 -20.34 -3.69
N SER C 208 -2.58 -20.82 -4.72
CA SER C 208 -2.66 -20.05 -5.95
C SER C 208 -3.41 -18.74 -5.73
N SER C 209 -4.47 -18.76 -4.94
CA SER C 209 -5.20 -17.54 -4.64
C SER C 209 -4.35 -16.57 -3.83
N THR C 210 -3.60 -17.07 -2.84
CA THR C 210 -2.71 -16.20 -2.08
C THR C 210 -1.62 -15.63 -2.95
N ALA C 211 -1.10 -16.43 -3.89
CA ALA C 211 -0.08 -15.92 -4.79
C ALA C 211 -0.63 -14.80 -5.67
N SER C 212 -1.82 -15.01 -6.25
CA SER C 212 -2.42 -13.98 -7.08
C SER C 212 -2.71 -12.73 -6.26
N ALA C 213 -3.19 -12.90 -5.03
CA ALA C 213 -3.52 -11.75 -4.21
C ALA C 213 -2.27 -10.96 -3.85
N LEU C 214 -1.19 -11.65 -3.47
CA LEU C 214 0.03 -10.93 -3.14
C LEU C 214 0.63 -10.29 -4.38
N GLY C 215 0.45 -10.90 -5.55
CA GLY C 215 0.93 -10.27 -6.76
C GLY C 215 0.19 -8.99 -7.08
N LYS C 216 -1.13 -9.00 -6.97
CA LYS C 216 -1.89 -7.79 -7.21
C LYS C 216 -1.57 -6.72 -6.18
N LEU C 217 -1.45 -7.12 -4.91
CA LEU C 217 -1.07 -6.16 -3.89
C LEU C 217 0.31 -5.57 -4.15
N GLN C 218 1.24 -6.38 -4.65
CA GLN C 218 2.56 -5.88 -4.97
C GLN C 218 2.50 -4.87 -6.09
N ASP C 219 1.80 -5.22 -7.17
CA ASP C 219 1.67 -4.28 -8.29
C ASP C 219 1.05 -2.97 -7.84
N VAL C 220 0.01 -3.04 -7.00
CA VAL C 220 -0.69 -1.82 -6.62
C VAL C 220 0.13 -0.99 -5.66
N VAL C 221 0.79 -1.62 -4.70
CA VAL C 221 1.59 -0.86 -3.75
C VAL C 221 2.79 -0.23 -4.45
N ASN C 222 3.38 -0.95 -5.40
CA ASN C 222 4.48 -0.36 -6.15
C ASN C 222 4.02 0.77 -7.04
N HIS C 223 2.86 0.63 -7.68
CA HIS C 223 2.30 1.74 -8.44
C HIS C 223 2.09 2.95 -7.56
N ASN C 224 1.47 2.76 -6.40
CA ASN C 224 1.21 3.88 -5.52
C ASN C 224 2.49 4.48 -4.99
N ALA C 225 3.53 3.67 -4.80
CA ALA C 225 4.79 4.20 -4.34
C ALA C 225 5.45 5.05 -5.41
N GLN C 226 5.47 4.55 -6.65
CA GLN C 226 6.00 5.34 -7.74
C GLN C 226 5.21 6.61 -7.92
N ALA C 227 3.90 6.54 -7.73
CA ALA C 227 3.05 7.73 -7.88
C ALA C 227 3.36 8.74 -6.80
N LEU C 228 3.53 8.29 -5.56
CA LEU C 228 3.83 9.21 -4.50
C LEU C 228 5.22 9.82 -4.68
N ASN C 229 6.16 9.04 -5.21
CA ASN C 229 7.48 9.59 -5.47
C ASN C 229 7.44 10.62 -6.59
N THR C 230 6.68 10.33 -7.65
CA THR C 230 6.49 11.32 -8.70
C THR C 230 5.86 12.57 -8.16
N LEU C 231 4.85 12.42 -7.29
CA LEU C 231 4.22 13.58 -6.69
C LEU C 231 5.23 14.38 -5.90
N VAL C 232 6.07 13.70 -5.12
CA VAL C 232 7.05 14.39 -4.31
C VAL C 232 7.99 15.19 -5.21
N LYS C 233 8.53 14.55 -6.24
CA LYS C 233 9.48 15.23 -7.10
C LYS C 233 8.85 16.41 -7.82
N GLN C 234 7.72 16.18 -8.48
CA GLN C 234 7.12 17.24 -9.27
C GLN C 234 6.58 18.34 -8.38
N LEU C 235 6.17 18.00 -7.15
CA LEU C 235 5.83 19.02 -6.18
C LEU C 235 7.03 19.86 -5.82
N SER C 236 8.17 19.23 -5.60
CA SER C 236 9.38 19.99 -5.34
C SER C 236 9.64 20.96 -6.48
N SER C 237 9.46 20.49 -7.70
CA SER C 237 9.67 21.36 -8.85
C SER C 237 8.71 22.54 -8.84
N LYS C 238 7.42 22.26 -8.69
CA LYS C 238 6.43 23.32 -8.73
C LYS C 238 6.65 24.32 -7.61
N PHE C 239 7.05 23.83 -6.44
CA PHE C 239 7.25 24.74 -5.33
C PHE C 239 8.50 25.58 -5.52
N GLY C 240 9.55 25.01 -6.11
CA GLY C 240 10.68 25.83 -6.46
C GLY C 240 10.30 26.92 -7.45
N ALA C 241 9.47 26.57 -8.42
CA ALA C 241 8.99 27.56 -9.36
C ALA C 241 8.23 28.66 -8.64
N ILE C 242 7.33 28.27 -7.74
CA ILE C 242 6.60 29.26 -6.96
C ILE C 242 7.55 30.13 -6.18
N SER C 243 8.62 29.53 -5.66
CA SER C 243 9.60 30.31 -4.92
C SER C 243 10.22 31.37 -5.80
N SER C 244 10.69 30.98 -6.98
CA SER C 244 11.27 31.95 -7.90
C SER C 244 10.27 33.03 -8.25
N VAL C 245 9.02 32.64 -8.47
CA VAL C 245 8.02 33.62 -8.87
C VAL C 245 7.81 34.63 -7.76
N LEU C 246 7.61 34.16 -6.54
CA LEU C 246 7.42 35.10 -5.44
C LEU C 246 8.66 35.95 -5.23
N ASN C 247 9.83 35.39 -5.50
CA ASN C 247 11.05 36.17 -5.37
C ASN C 247 11.06 37.33 -6.34
N ASP C 248 10.78 37.04 -7.61
CA ASP C 248 10.69 38.11 -8.59
C ASP C 248 9.59 39.09 -8.24
N ILE C 249 8.49 38.59 -7.67
CA ILE C 249 7.44 39.49 -7.22
C ILE C 249 8.00 40.48 -6.22
N PHE C 250 8.63 39.98 -5.17
CA PHE C 250 9.16 40.85 -4.14
C PHE C 250 10.21 41.80 -4.71
N SER C 251 10.97 41.31 -5.69
CA SER C 251 11.97 42.17 -6.32
C SER C 251 11.31 43.33 -7.05
N ARG C 252 10.29 43.04 -7.83
CA ARG C 252 9.55 44.11 -8.49
C ARG C 252 8.96 45.07 -7.46
N LEU C 253 8.45 44.53 -6.36
CA LEU C 253 7.89 45.40 -5.33
C LEU C 253 8.95 46.35 -4.80
N ASP C 254 10.11 45.80 -4.42
CA ASP C 254 11.20 46.63 -3.94
C ASP C 254 11.59 47.67 -4.98
N LYS C 255 11.56 47.30 -6.26
CA LYS C 255 11.84 48.25 -7.32
C LYS C 255 10.84 49.40 -7.28
N VAL C 256 9.56 49.08 -7.07
CA VAL C 256 8.55 50.13 -6.98
C VAL C 256 8.79 50.96 -5.74
N GLU C 257 8.89 50.32 -4.58
CA GLU C 257 9.11 51.03 -3.32
C GLU C 257 10.60 51.15 -3.03
N HIS D 3 -11.60 49.78 -0.92
CA HIS D 3 -11.24 48.94 0.21
C HIS D 3 -10.05 48.05 -0.11
N THR D 4 -9.32 47.64 0.93
CA THR D 4 -8.21 46.74 0.76
C THR D 4 -8.69 45.36 0.31
N SER D 5 -7.75 44.56 -0.17
CA SER D 5 -8.10 43.25 -0.67
C SER D 5 -8.34 42.28 0.48
N PRO D 6 -9.26 41.34 0.34
CA PRO D 6 -9.52 40.38 1.41
C PRO D 6 -8.42 39.33 1.50
N ASP D 7 -8.57 38.45 2.48
CA ASP D 7 -7.65 37.34 2.62
C ASP D 7 -7.86 36.35 1.47
N VAL D 8 -6.75 35.86 0.93
CA VAL D 8 -6.81 34.91 -0.18
C VAL D 8 -7.11 33.53 0.38
N ASP D 9 -8.18 32.91 -0.13
CA ASP D 9 -8.53 31.55 0.21
C ASP D 9 -7.86 30.64 -0.82
N LEU D 10 -6.67 30.14 -0.50
CA LEU D 10 -5.88 29.36 -1.44
C LEU D 10 -6.60 28.12 -1.96
N GLY D 11 -7.68 27.70 -1.33
CA GLY D 11 -8.47 26.59 -1.83
C GLY D 11 -8.77 25.59 -0.74
N GLY D 12 -8.85 24.32 -1.16
CA GLY D 12 -9.32 23.28 -0.26
C GLY D 12 -8.46 23.14 0.97
N ASP D 13 -9.04 22.54 2.00
CA ASP D 13 -8.35 22.33 3.27
C ASP D 13 -7.75 20.93 3.24
N ILE D 14 -6.48 20.84 2.81
CA ILE D 14 -5.85 19.55 2.63
C ILE D 14 -5.61 18.81 3.93
N SER D 15 -6.03 19.37 5.06
CA SER D 15 -5.85 18.66 6.33
C SER D 15 -6.80 17.48 6.46
N GLY D 16 -7.94 17.52 5.78
CA GLY D 16 -8.86 16.41 5.81
C GLY D 16 -8.30 15.10 5.31
N ILE D 17 -7.31 15.16 4.43
CA ILE D 17 -6.65 13.99 3.90
C ILE D 17 -5.92 13.31 5.05
N ASN D 18 -5.85 11.98 5.00
CA ASN D 18 -5.18 11.22 6.04
C ASN D 18 -4.98 9.80 5.52
N ALA D 19 -3.97 9.10 6.04
CA ALA D 19 -3.66 7.77 5.57
C ALA D 19 -3.63 6.82 6.75
N SER D 20 -4.41 5.76 6.65
CA SER D 20 -4.49 4.76 7.69
C SER D 20 -3.18 3.98 7.78
N VAL D 21 -3.09 3.15 8.80
CA VAL D 21 -1.92 2.31 9.03
C VAL D 21 -2.41 0.91 9.34
N VAL D 22 -1.92 -0.05 8.55
CA VAL D 22 -2.35 -1.44 8.64
C VAL D 22 -1.57 -2.11 9.75
N ASN D 23 -2.26 -2.88 10.58
CA ASN D 23 -1.65 -3.63 11.67
C ASN D 23 -2.07 -5.08 11.54
N ILE D 24 -1.27 -5.87 10.82
CA ILE D 24 -1.56 -7.27 10.64
C ILE D 24 -0.49 -8.10 11.31
N GLN D 25 0.08 -7.59 12.40
CA GLN D 25 1.12 -8.35 13.08
C GLN D 25 0.52 -9.56 13.80
N LYS D 26 -0.74 -9.46 14.23
CA LYS D 26 -1.41 -10.63 14.78
C LYS D 26 -1.44 -11.76 13.76
N GLU D 27 -1.83 -11.47 12.53
CA GLU D 27 -1.95 -12.52 11.53
C GLU D 27 -0.60 -13.06 11.09
N ILE D 28 0.39 -12.19 10.98
CA ILE D 28 1.72 -12.67 10.61
C ILE D 28 2.30 -13.55 11.71
N ASP D 29 2.13 -13.14 12.96
CA ASP D 29 2.60 -13.96 14.06
C ASP D 29 1.86 -15.28 14.14
N ARG D 30 0.56 -15.27 13.81
CA ARG D 30 -0.18 -16.53 13.79
C ARG D 30 0.32 -17.44 12.67
N LEU D 31 0.64 -16.88 11.52
CA LEU D 31 1.18 -17.70 10.44
C LEU D 31 2.51 -18.31 10.84
N ASN D 32 3.38 -17.55 11.48
CA ASN D 32 4.65 -18.14 11.90
C ASN D 32 4.46 -19.16 13.01
N GLU D 33 3.52 -18.91 13.92
CA GLU D 33 3.23 -19.90 14.96
C GLU D 33 2.71 -21.19 14.36
N VAL D 34 1.90 -21.10 13.31
CA VAL D 34 1.40 -22.31 12.66
C VAL D 34 2.49 -23.00 11.88
N ALA D 35 3.36 -22.23 11.23
CA ALA D 35 4.48 -22.83 10.51
C ALA D 35 5.42 -23.54 11.47
N LYS D 36 5.43 -23.13 12.73
CA LYS D 36 6.26 -23.83 13.71
C LYS D 36 5.50 -24.98 14.35
N ASN D 37 4.18 -24.87 14.48
CA ASN D 37 3.40 -25.91 15.14
C ASN D 37 3.07 -27.07 14.21
N LEU D 38 3.17 -26.89 12.90
CA LEU D 38 2.94 -28.02 12.00
C LEU D 38 3.98 -29.12 12.18
N ASN D 39 5.07 -28.87 12.90
CA ASN D 39 5.99 -29.95 13.21
C ASN D 39 5.44 -30.85 14.30
N GLU D 40 4.42 -30.40 15.01
CA GLU D 40 3.74 -31.27 15.96
C GLU D 40 2.67 -32.11 15.29
N SER D 41 2.56 -32.04 13.96
CA SER D 41 1.57 -32.81 13.22
C SER D 41 2.19 -33.75 12.21
N LEU D 42 3.52 -33.77 12.10
CA LEU D 42 4.16 -34.74 11.22
C LEU D 42 3.96 -36.14 11.76
N ILE D 43 3.65 -37.07 10.86
CA ILE D 43 3.38 -38.46 11.21
C ILE D 43 4.71 -39.18 11.35
N ASP D 44 4.84 -39.97 12.41
CA ASP D 44 6.02 -40.81 12.64
C ASP D 44 5.53 -42.19 13.06
N LEU D 45 5.32 -43.07 12.09
CA LEU D 45 4.83 -44.41 12.36
C LEU D 45 5.85 -45.24 13.12
N HIS E 3 5.96 45.36 -22.81
CA HIS E 3 4.80 44.48 -22.82
C HIS E 3 4.52 43.94 -21.42
N THR E 4 3.26 43.57 -21.19
CA THR E 4 2.86 42.98 -19.93
C THR E 4 3.51 41.61 -19.74
N SER E 5 3.47 41.12 -18.52
CA SER E 5 4.10 39.84 -18.21
C SER E 5 3.22 38.70 -18.70
N PRO E 6 3.82 37.59 -19.15
CA PRO E 6 3.01 36.46 -19.61
C PRO E 6 2.42 35.70 -18.45
N ASP E 7 1.63 34.67 -18.80
CA ASP E 7 1.08 33.79 -17.79
C ASP E 7 2.18 32.96 -17.16
N VAL E 8 2.12 32.82 -15.84
CA VAL E 8 3.12 32.05 -15.11
C VAL E 8 2.80 30.58 -15.25
N ASP E 9 3.78 29.81 -15.74
CA ASP E 9 3.66 28.36 -15.81
C ASP E 9 4.25 27.79 -14.53
N LEU E 10 3.38 27.53 -13.55
CA LEU E 10 3.82 27.11 -12.23
C LEU E 10 4.65 25.82 -12.25
N GLY E 11 4.64 25.08 -13.34
CA GLY E 11 5.47 23.90 -13.46
C GLY E 11 4.67 22.70 -13.95
N GLY E 12 5.10 21.53 -13.48
CA GLY E 12 4.56 20.29 -14.02
C GLY E 12 3.07 20.17 -13.83
N ASP E 13 2.46 19.32 -14.64
CA ASP E 13 1.01 19.10 -14.60
C ASP E 13 0.77 17.89 -13.71
N ILE E 14 0.52 18.16 -12.43
CA ILE E 14 0.37 17.09 -11.45
C ILE E 14 -0.87 16.25 -11.67
N SER E 15 -1.66 16.52 -12.70
CA SER E 15 -2.84 15.70 -12.95
C SER E 15 -2.48 14.33 -13.49
N GLY E 16 -1.32 14.20 -14.14
CA GLY E 16 -0.89 12.91 -14.63
C GLY E 16 -0.70 11.86 -13.57
N ILE E 17 -0.42 12.28 -12.34
CA ILE E 17 -0.28 11.36 -11.22
C ILE E 17 -1.62 10.73 -10.95
N ASN E 18 -1.61 9.47 -10.51
CA ASN E 18 -2.83 8.74 -10.23
C ASN E 18 -2.46 7.50 -9.44
N ALA E 19 -3.40 6.98 -8.65
CA ALA E 19 -3.13 5.84 -7.79
C ALA E 19 -4.16 4.76 -8.07
N SER E 20 -3.68 3.58 -8.40
CA SER E 20 -4.54 2.45 -8.68
C SER E 20 -5.25 1.99 -7.42
N VAL E 21 -6.18 1.06 -7.60
CA VAL E 21 -6.93 0.49 -6.49
C VAL E 21 -6.96 -1.02 -6.66
N VAL E 22 -6.50 -1.72 -5.63
CA VAL E 22 -6.35 -3.16 -5.65
C VAL E 22 -7.70 -3.79 -5.33
N ASN E 23 -8.07 -4.80 -6.10
CA ASN E 23 -9.31 -5.54 -5.90
C ASN E 23 -8.98 -7.02 -5.79
N ILE E 24 -8.74 -7.48 -4.57
CA ILE E 24 -8.41 -8.88 -4.35
C ILE E 24 -9.52 -9.53 -3.53
N GLN E 25 -10.75 -9.05 -3.71
CA GLN E 25 -11.85 -9.65 -2.96
C GLN E 25 -12.17 -11.04 -3.47
N LYS E 26 -11.92 -11.31 -4.75
CA LYS E 26 -12.06 -12.66 -5.26
C LYS E 26 -11.15 -13.62 -4.50
N GLU E 27 -9.89 -13.25 -4.32
CA GLU E 27 -8.95 -14.15 -3.67
C GLU E 27 -9.22 -14.29 -2.19
N ILE E 28 -9.62 -13.21 -1.53
CA ILE E 28 -9.94 -13.31 -0.11
C ILE E 28 -11.18 -14.18 0.10
N ASP E 29 -12.18 -14.01 -0.76
CA ASP E 29 -13.38 -14.83 -0.65
C ASP E 29 -13.06 -16.29 -0.95
N ARG E 30 -12.14 -16.54 -1.89
CA ARG E 30 -11.73 -17.91 -2.15
C ARG E 30 -11.00 -18.51 -0.96
N LEU E 31 -10.16 -17.73 -0.30
CA LEU E 31 -9.47 -18.24 0.88
C LEU E 31 -10.48 -18.58 1.98
N ASN E 32 -11.47 -17.74 2.20
CA ASN E 32 -12.45 -18.08 3.23
C ASN E 32 -13.31 -19.26 2.82
N GLU E 33 -13.65 -19.37 1.54
CA GLU E 33 -14.40 -20.53 1.06
C GLU E 33 -13.60 -21.82 1.27
N VAL E 34 -12.29 -21.77 1.06
CA VAL E 34 -11.47 -22.96 1.26
C VAL E 34 -11.32 -23.25 2.74
N ALA E 35 -11.19 -22.22 3.56
CA ALA E 35 -11.10 -22.44 5.01
C ALA E 35 -12.40 -23.04 5.54
N LYS E 36 -13.50 -22.82 4.84
CA LYS E 36 -14.76 -23.44 5.26
C LYS E 36 -14.93 -24.82 4.64
N ASN E 37 -14.39 -25.04 3.45
CA ASN E 37 -14.57 -26.30 2.76
C ASN E 37 -13.60 -27.37 3.23
N LEU E 38 -12.50 -26.98 3.88
CA LEU E 38 -11.60 -28.00 4.42
C LEU E 38 -12.25 -28.84 5.50
N ASN E 39 -13.41 -28.45 6.02
CA ASN E 39 -14.12 -29.32 6.94
C ASN E 39 -14.79 -30.47 6.21
N GLU E 40 -14.91 -30.37 4.89
CA GLU E 40 -15.40 -31.50 4.11
C GLU E 40 -14.27 -32.47 3.75
N SER E 41 -13.07 -32.23 4.27
CA SER E 41 -11.94 -33.09 3.99
C SER E 41 -11.35 -33.72 5.25
N LEU E 42 -11.89 -33.42 6.42
CA LEU E 42 -11.44 -34.07 7.63
C LEU E 42 -11.79 -35.55 7.60
N ILE E 43 -10.85 -36.38 8.01
CA ILE E 43 -11.00 -37.83 8.00
C ILE E 43 -11.77 -38.24 9.24
N ASP E 44 -12.75 -39.12 9.06
CA ASP E 44 -13.53 -39.69 10.17
C ASP E 44 -13.63 -41.19 9.93
N LEU E 45 -12.67 -41.94 10.46
CA LEU E 45 -12.65 -43.39 10.28
C LEU E 45 -13.82 -44.06 11.01
N HIS F 3 16.43 48.28 3.44
CA HIS F 3 17.02 47.17 2.71
C HIS F 3 15.95 46.38 1.96
N THR F 4 16.37 45.71 0.90
CA THR F 4 15.47 44.86 0.11
C THR F 4 15.02 43.67 0.95
N SER F 5 13.97 43.01 0.47
CA SER F 5 13.41 41.89 1.21
C SER F 5 14.28 40.66 1.01
N PRO F 6 14.38 39.79 2.02
CA PRO F 6 15.20 38.59 1.86
C PRO F 6 14.49 37.54 1.02
N ASP F 7 15.19 36.42 0.81
CA ASP F 7 14.58 35.30 0.11
C ASP F 7 13.51 34.67 0.96
N VAL F 8 12.39 34.34 0.33
CA VAL F 8 11.27 33.72 1.03
C VAL F 8 11.56 32.25 1.23
N ASP F 9 11.52 31.80 2.48
CA ASP F 9 11.65 30.39 2.83
C ASP F 9 10.26 29.79 2.87
N LEU F 10 9.83 29.22 1.75
CA LEU F 10 8.47 28.72 1.61
C LEU F 10 8.10 27.67 2.66
N GLY F 11 9.06 27.11 3.37
CA GLY F 11 8.77 26.18 4.44
C GLY F 11 9.60 24.92 4.34
N GLY F 12 9.00 23.82 4.78
CA GLY F 12 9.74 22.58 4.92
C GLY F 12 10.31 22.09 3.61
N ASP F 13 11.34 21.26 3.72
CA ASP F 13 12.01 20.70 2.55
C ASP F 13 11.36 19.35 2.24
N ILE F 14 10.37 19.37 1.35
CA ILE F 14 9.60 18.16 1.07
C ILE F 14 10.41 17.10 0.36
N SER F 15 11.70 17.33 0.11
CA SER F 15 12.49 16.30 -0.54
C SER F 15 12.81 15.14 0.39
N GLY F 16 12.81 15.38 1.69
CA GLY F 16 13.04 14.31 2.64
C GLY F 16 12.03 13.19 2.58
N ILE F 17 10.82 13.47 2.13
CA ILE F 17 9.78 12.47 1.96
C ILE F 17 10.22 11.51 0.88
N ASN F 18 9.85 10.23 1.03
CA ASN F 18 10.20 9.21 0.07
C ASN F 18 9.34 7.99 0.34
N ALA F 19 9.13 7.17 -0.68
CA ALA F 19 8.26 6.02 -0.54
C ALA F 19 9.02 4.77 -0.99
N SER F 20 9.08 3.79 -0.10
CA SER F 20 9.76 2.55 -0.39
C SER F 20 9.02 1.77 -1.46
N VAL F 21 9.63 0.68 -1.90
CA VAL F 21 9.06 -0.20 -2.90
C VAL F 21 9.22 -1.64 -2.43
N VAL F 22 8.11 -2.35 -2.35
CA VAL F 22 8.08 -3.70 -1.82
C VAL F 22 8.47 -4.67 -2.92
N ASN F 23 9.33 -5.62 -2.59
CA ASN F 23 9.78 -6.64 -3.53
C ASN F 23 9.53 -8.00 -2.90
N ILE F 24 8.36 -8.57 -3.15
CA ILE F 24 8.02 -9.87 -2.60
C ILE F 24 7.86 -10.86 -3.74
N GLN F 25 8.61 -10.67 -4.82
CA GLN F 25 8.51 -11.60 -5.93
C GLN F 25 9.12 -12.95 -5.59
N LYS F 26 10.12 -12.96 -4.70
CA LYS F 26 10.64 -14.23 -4.22
C LYS F 26 9.54 -15.04 -3.56
N GLU F 27 8.76 -14.42 -2.68
CA GLU F 27 7.76 -15.16 -1.94
C GLU F 27 6.60 -15.58 -2.83
N ILE F 28 6.20 -14.72 -3.77
CA ILE F 28 5.13 -15.09 -4.69
C ILE F 28 5.56 -16.24 -5.58
N ASP F 29 6.81 -16.19 -6.08
CA ASP F 29 7.31 -17.28 -6.90
C ASP F 29 7.42 -18.56 -6.09
N ARG F 30 7.79 -18.46 -4.82
CA ARG F 30 7.84 -19.64 -3.97
C ARG F 30 6.45 -20.23 -3.76
N LEU F 31 5.45 -19.37 -3.58
CA LEU F 31 4.09 -19.88 -3.42
C LEU F 31 3.63 -20.59 -4.68
N ASN F 32 3.92 -20.03 -5.86
CA ASN F 32 3.52 -20.73 -7.07
C ASN F 32 4.30 -22.02 -7.27
N GLU F 33 5.58 -22.03 -6.92
CA GLU F 33 6.37 -23.24 -7.02
C GLU F 33 5.82 -24.32 -6.10
N VAL F 34 5.36 -23.95 -4.91
CA VAL F 34 4.79 -24.93 -3.99
C VAL F 34 3.43 -25.39 -4.49
N ALA F 35 2.64 -24.48 -5.04
CA ALA F 35 1.34 -24.87 -5.59
C ALA F 35 1.52 -25.83 -6.76
N LYS F 36 2.68 -25.78 -7.42
CA LYS F 36 2.93 -26.72 -8.50
C LYS F 36 3.57 -28.00 -7.99
N ASN F 37 4.35 -27.91 -6.90
CA ASN F 37 5.04 -29.08 -6.39
C ASN F 37 4.16 -29.95 -5.51
N LEU F 38 3.06 -29.41 -5.00
CA LEU F 38 2.16 -30.26 -4.22
C LEU F 38 1.54 -31.37 -5.04
N ASN F 39 1.66 -31.33 -6.37
CA ASN F 39 1.22 -32.47 -7.17
C ASN F 39 2.20 -33.63 -7.07
N GLU F 40 3.41 -33.37 -6.58
CA GLU F 40 4.33 -34.46 -6.32
C GLU F 40 4.10 -35.08 -4.94
N SER F 41 3.07 -34.65 -4.24
CA SER F 41 2.75 -35.18 -2.91
C SER F 41 1.37 -35.82 -2.85
N LEU F 42 0.62 -35.82 -3.94
CA LEU F 42 -0.65 -36.52 -3.95
C LEU F 42 -0.43 -38.02 -3.84
N ILE F 43 -1.25 -38.67 -3.01
CA ILE F 43 -1.14 -40.10 -2.74
C ILE F 43 -1.85 -40.84 -3.86
N ASP F 44 -1.20 -41.89 -4.36
CA ASP F 44 -1.77 -42.77 -5.38
C ASP F 44 -1.50 -44.21 -4.94
N LEU F 45 -2.42 -44.79 -4.19
CA LEU F 45 -2.27 -46.15 -3.69
C LEU F 45 -2.31 -47.16 -4.82
#